data_7O3R
#
_entry.id   7O3R
#
_cell.length_a   82.530
_cell.length_b   112.521
_cell.length_c   62.686
_cell.angle_alpha   90.000
_cell.angle_beta   90.000
_cell.angle_gamma   90.000
#
_symmetry.space_group_name_H-M   'C 2 2 21'
#
loop_
_entity.id
_entity.type
_entity.pdbx_description
1 polymer '14-3-3 protein sigma'
2 polymer 'Transcription factor p65'
3 non-polymer 'CHLORIDE ION'
4 non-polymer ~{N},~{N},4-trimethylbenzenesulfonamide
5 non-polymer 'CALCIUM ION'
6 non-polymer GLYCEROL
7 water water
#
loop_
_entity_poly.entity_id
_entity_poly.type
_entity_poly.pdbx_seq_one_letter_code
_entity_poly.pdbx_strand_id
1 'polypeptide(L)'
;GAMGSMERASLIQKAKLAEQAERYEDMAAFMKGAVEKGEELS(CSO)EERNLLSVAYKNVVGGQRAAWRVLSSIEQKSNE
EGSEEKGPEVREYREKVETELQGVCDTVLGLLDSHLIKEAGDAESRVFYLKMKGDYYRYLAEVATGDDKKRIIDSARSAY
QEAMDISKKEMPPTNPIRLGLALNFSVFHYEIANSPEEAISLAKTTFDEAMADLHTLSEDSYKDSTLIMQLLRDNLTLWT
;
A
2 'polypeptide(L)' EGRSAG(SEP)IPGRRS P
#
loop_
_chem_comp.id
_chem_comp.type
_chem_comp.name
_chem_comp.formula
CA non-polymer 'CALCIUM ION' 'Ca 2'
CL non-polymer 'CHLORIDE ION' 'Cl -1'
GOL non-polymer GLYCEROL 'C3 H8 O3'
V1E non-polymer ~{N},~{N},4-trimethylbenzenesulfonamide 'C9 H13 N O2 S'
#
# COMPACT_ATOMS: atom_id res chain seq x y z
N MET A 3 5.97 -6.35 21.86
CA MET A 3 6.76 -7.56 21.72
C MET A 3 8.15 -7.26 22.22
N GLY A 4 8.21 -6.40 23.24
CA GLY A 4 9.49 -5.85 23.66
C GLY A 4 10.46 -6.88 24.22
N SER A 5 9.96 -7.99 24.74
CA SER A 5 10.88 -8.99 25.30
C SER A 5 11.35 -10.03 24.27
N MET A 6 10.86 -9.97 23.01
CA MET A 6 11.33 -10.90 21.98
C MET A 6 12.47 -10.31 21.14
N GLU A 7 13.45 -11.16 20.82
CA GLU A 7 14.56 -10.74 19.96
C GLU A 7 14.08 -10.29 18.58
N ARG A 8 14.73 -9.26 18.03
CA ARG A 8 14.41 -8.83 16.67
C ARG A 8 14.43 -9.99 15.68
N ALA A 9 15.49 -10.81 15.73
CA ALA A 9 15.59 -11.89 14.74
C ALA A 9 14.48 -12.92 14.92
N SER A 10 14.06 -13.16 16.17
CA SER A 10 12.95 -14.08 16.43
C SER A 10 11.63 -13.53 15.89
N LEU A 11 11.42 -12.22 16.05
CA LEU A 11 10.24 -11.58 15.48
C LEU A 11 10.19 -11.75 13.97
N ILE A 12 11.33 -11.55 13.30
CA ILE A 12 11.39 -11.71 11.85
C ILE A 12 11.12 -13.16 11.46
N GLN A 13 11.76 -14.10 12.17
CA GLN A 13 11.56 -15.50 11.86
C GLN A 13 10.09 -15.92 12.07
N LYS A 14 9.47 -15.44 13.15
CA LYS A 14 8.06 -15.75 13.38
C LYS A 14 7.13 -15.04 12.40
N ALA A 15 7.49 -13.84 11.93
CA ALA A 15 6.68 -13.23 10.88
C ALA A 15 6.66 -14.10 9.63
N LYS A 16 7.81 -14.70 9.29
CA LYS A 16 7.85 -15.58 8.11
C LYS A 16 7.01 -16.83 8.33
N LEU A 17 7.05 -17.38 9.54
CA LEU A 17 6.22 -18.54 9.87
C LEU A 17 4.74 -18.18 9.81
N ALA A 18 4.37 -17.01 10.32
CA ALA A 18 2.96 -16.61 10.29
C ALA A 18 2.48 -16.44 8.86
N GLU A 19 3.33 -15.92 7.97
CA GLU A 19 2.94 -15.84 6.57
C GLU A 19 2.65 -17.23 6.00
N GLN A 20 3.49 -18.21 6.34
CA GLN A 20 3.28 -19.57 5.85
C GLN A 20 1.99 -20.18 6.38
N ALA A 21 1.59 -19.82 7.60
CA ALA A 21 0.39 -20.30 8.24
C ALA A 21 -0.81 -19.45 7.91
N GLU A 22 -0.63 -18.43 7.08
CA GLU A 22 -1.66 -17.46 6.71
C GLU A 22 -2.28 -16.82 7.96
N ARG A 23 -1.43 -16.51 8.92
CA ARG A 23 -1.83 -15.83 10.17
C ARG A 23 -1.35 -14.39 10.10
N TYR A 24 -2.08 -13.59 9.32
CA TYR A 24 -1.58 -12.26 8.97
C TYR A 24 -1.68 -11.26 10.11
N GLU A 25 -2.66 -11.40 10.99
CA GLU A 25 -2.69 -10.53 12.16
C GLU A 25 -1.46 -10.78 13.04
N ASP A 26 -1.11 -12.05 13.26
CA ASP A 26 0.15 -12.37 13.95
C ASP A 26 1.35 -11.80 13.20
N MET A 27 1.42 -12.03 11.88
CA MET A 27 2.50 -11.50 11.07
C MET A 27 2.69 -10.01 11.32
N ALA A 28 1.59 -9.26 11.27
CA ALA A 28 1.68 -7.81 11.41
C ALA A 28 2.19 -7.42 12.79
N ALA A 29 1.69 -8.10 13.84
CA ALA A 29 2.15 -7.81 15.19
C ALA A 29 3.63 -8.13 15.35
N PHE A 30 4.08 -9.24 14.76
CA PHE A 30 5.51 -9.54 14.82
C PHE A 30 6.31 -8.46 14.10
N MET A 31 5.84 -8.02 12.93
CA MET A 31 6.66 -7.03 12.23
C MET A 31 6.54 -5.67 12.87
N LYS A 32 5.40 -5.35 13.50
CA LYS A 32 5.32 -4.14 14.31
C LYS A 32 6.37 -4.16 15.41
N GLY A 33 6.48 -5.30 16.11
CA GLY A 33 7.52 -5.43 17.12
C GLY A 33 8.92 -5.26 16.55
N ALA A 34 9.18 -5.83 15.37
CA ALA A 34 10.51 -5.69 14.76
C ALA A 34 10.82 -4.23 14.44
N VAL A 35 9.86 -3.51 13.87
CA VAL A 35 10.07 -2.09 13.58
C VAL A 35 10.40 -1.33 14.86
N GLU A 36 9.64 -1.59 15.93
CA GLU A 36 9.81 -0.85 17.17
C GLU A 36 11.11 -1.16 17.89
N LYS A 37 11.88 -2.16 17.41
CA LYS A 37 13.25 -2.33 17.89
C LYS A 37 14.13 -1.14 17.54
N GLY A 38 13.76 -0.36 16.53
CA GLY A 38 14.41 0.90 16.24
C GLY A 38 15.49 0.83 15.17
N GLU A 39 15.82 -0.37 14.68
N GLU A 39 15.86 -0.37 14.72
CA GLU A 39 16.79 -0.53 13.62
CA GLU A 39 16.81 -0.48 13.62
C GLU A 39 16.11 -0.44 12.25
C GLU A 39 16.08 -0.31 12.28
N GLU A 40 16.84 0.07 11.26
CA GLU A 40 16.29 0.15 9.92
C GLU A 40 15.94 -1.27 9.41
N LEU A 41 15.09 -1.34 8.40
CA LEU A 41 14.64 -2.61 7.86
C LEU A 41 15.34 -2.90 6.54
N SER A 42 15.71 -4.15 6.34
CA SER A 42 16.26 -4.59 5.06
C SER A 42 15.17 -4.66 3.99
N CSO A 43 15.57 -4.91 2.75
CA CSO A 43 14.63 -5.01 1.65
CB CSO A 43 15.38 -5.26 0.33
SG CSO A 43 14.27 -5.53 -1.05
C CSO A 43 13.59 -6.10 1.93
O CSO A 43 12.38 -5.90 1.81
OD CSO A 43 13.86 -7.25 -1.20
N GLU A 44 14.07 -7.28 2.33
CA GLU A 44 13.20 -8.41 2.67
C GLU A 44 12.26 -8.08 3.84
N GLU A 45 12.80 -7.43 4.86
CA GLU A 45 12.01 -7.07 6.04
C GLU A 45 10.92 -6.04 5.70
N ARG A 46 11.24 -5.06 4.86
CA ARG A 46 10.22 -4.11 4.40
C ARG A 46 9.09 -4.85 3.70
N ASN A 47 9.42 -5.86 2.89
CA ASN A 47 8.38 -6.59 2.20
C ASN A 47 7.51 -7.36 3.17
N LEU A 48 8.11 -7.93 4.22
CA LEU A 48 7.32 -8.65 5.22
C LEU A 48 6.35 -7.70 5.92
N LEU A 49 6.83 -6.53 6.29
CA LEU A 49 5.98 -5.53 6.93
C LEU A 49 4.81 -5.19 6.04
N SER A 50 5.09 -4.92 4.76
CA SER A 50 4.07 -4.54 3.80
C SER A 50 3.08 -5.66 3.55
N VAL A 51 3.56 -6.90 3.35
CA VAL A 51 2.66 -8.01 3.09
C VAL A 51 1.72 -8.23 4.27
N ALA A 52 2.26 -8.15 5.48
CA ALA A 52 1.45 -8.40 6.67
C ALA A 52 0.28 -7.41 6.74
N TYR A 53 0.58 -6.12 6.66
CA TYR A 53 -0.49 -5.15 6.85
C TYR A 53 -1.40 -5.07 5.64
N LYS A 54 -0.90 -5.34 4.43
CA LYS A 54 -1.79 -5.36 3.26
C LYS A 54 -2.85 -6.43 3.42
N ASN A 55 -2.46 -7.59 3.94
CA ASN A 55 -3.42 -8.66 4.15
C ASN A 55 -4.43 -8.30 5.23
N VAL A 56 -3.97 -7.73 6.35
CA VAL A 56 -4.88 -7.38 7.44
C VAL A 56 -5.88 -6.35 6.96
N VAL A 57 -5.38 -5.23 6.41
CA VAL A 57 -6.30 -4.18 5.99
C VAL A 57 -7.12 -4.64 4.79
N GLY A 58 -6.59 -5.56 3.98
CA GLY A 58 -7.35 -6.06 2.85
C GLY A 58 -8.60 -6.81 3.29
N GLY A 59 -8.48 -7.63 4.32
CA GLY A 59 -9.66 -8.26 4.89
C GLY A 59 -10.65 -7.26 5.46
N GLN A 60 -10.14 -6.21 6.13
CA GLN A 60 -11.03 -5.19 6.68
C GLN A 60 -11.74 -4.41 5.59
N ARG A 61 -11.01 -4.06 4.52
CA ARG A 61 -11.63 -3.32 3.42
C ARG A 61 -12.71 -4.14 2.75
N ALA A 62 -12.44 -5.43 2.51
CA ALA A 62 -13.43 -6.29 1.90
C ALA A 62 -14.68 -6.35 2.75
N ALA A 63 -14.52 -6.52 4.07
CA ALA A 63 -15.67 -6.55 4.97
C ALA A 63 -16.42 -5.23 4.98
N TRP A 64 -15.69 -4.11 5.04
CA TRP A 64 -16.33 -2.81 5.05
C TRP A 64 -17.17 -2.61 3.78
N ARG A 65 -16.68 -3.06 2.63
CA ARG A 65 -17.45 -2.88 1.41
C ARG A 65 -18.73 -3.70 1.43
N VAL A 66 -18.66 -4.95 1.92
CA VAL A 66 -19.87 -5.76 2.07
C VAL A 66 -20.89 -5.03 2.93
N LEU A 67 -20.45 -4.54 4.10
CA LEU A 67 -21.37 -3.91 5.04
C LEU A 67 -21.88 -2.58 4.53
N SER A 68 -21.03 -1.80 3.86
N SER A 68 -21.02 -1.78 3.88
CA SER A 68 -21.47 -0.52 3.30
CA SER A 68 -21.49 -0.53 3.30
C SER A 68 -22.53 -0.76 2.22
C SER A 68 -22.55 -0.77 2.22
N SER A 69 -22.35 -1.80 1.42
CA SER A 69 -23.34 -2.13 0.39
C SER A 69 -24.68 -2.49 1.01
N ILE A 70 -24.66 -3.33 2.05
CA ILE A 70 -25.90 -3.68 2.74
C ILE A 70 -26.53 -2.43 3.34
N GLU A 71 -25.71 -1.54 3.90
CA GLU A 71 -26.25 -0.35 4.55
C GLU A 71 -26.91 0.57 3.53
N GLN A 72 -26.30 0.72 2.34
CA GLN A 72 -26.86 1.60 1.32
C GLN A 72 -28.18 1.05 0.79
N LYS A 73 -28.27 -0.27 0.63
CA LYS A 73 -29.53 -0.88 0.21
C LYS A 73 -30.63 -0.64 1.23
N SER A 74 -30.29 -0.72 2.52
CA SER A 74 -31.29 -0.51 3.56
C SER A 74 -31.79 0.94 3.64
N ASN A 75 -31.11 1.87 2.97
CA ASN A 75 -31.52 3.28 2.97
C ASN A 75 -32.15 3.71 1.65
N GLY A 83 -33.30 -1.39 11.78
CA GLY A 83 -32.74 -0.80 12.99
C GLY A 83 -31.32 -0.30 12.80
N PRO A 84 -30.63 0.00 13.91
CA PRO A 84 -29.29 0.57 13.82
C PRO A 84 -28.18 -0.44 13.60
N GLU A 85 -28.50 -1.73 13.49
CA GLU A 85 -27.45 -2.74 13.59
C GLU A 85 -26.47 -2.69 12.42
N VAL A 86 -26.96 -2.55 11.18
CA VAL A 86 -26.05 -2.56 10.05
C VAL A 86 -25.08 -1.38 10.13
N ARG A 87 -25.60 -0.18 10.42
CA ARG A 87 -24.73 0.97 10.57
C ARG A 87 -23.74 0.77 11.71
N GLU A 88 -24.23 0.26 12.85
CA GLU A 88 -23.35 0.07 14.01
C GLU A 88 -22.20 -0.87 13.67
N TYR A 89 -22.50 -1.96 12.98
CA TYR A 89 -21.47 -2.95 12.70
C TYR A 89 -20.52 -2.45 11.62
N ARG A 90 -21.04 -1.74 10.61
CA ARG A 90 -20.15 -1.10 9.65
C ARG A 90 -19.22 -0.11 10.34
N GLU A 91 -19.74 0.65 11.31
CA GLU A 91 -18.91 1.59 12.06
C GLU A 91 -17.83 0.87 12.86
N LYS A 92 -18.15 -0.28 13.44
CA LYS A 92 -17.17 -1.05 14.20
C LYS A 92 -16.03 -1.49 13.30
N VAL A 93 -16.37 -2.11 12.17
CA VAL A 93 -15.35 -2.53 11.21
C VAL A 93 -14.56 -1.34 10.73
N GLU A 94 -15.24 -0.24 10.40
CA GLU A 94 -14.59 0.97 9.92
C GLU A 94 -13.59 1.49 10.96
N THR A 95 -13.98 1.51 12.23
CA THR A 95 -13.09 2.00 13.27
C THR A 95 -11.86 1.11 13.40
N GLU A 96 -12.04 -0.20 13.28
N GLU A 96 -12.04 -0.21 13.27
CA GLU A 96 -10.90 -1.10 13.37
CA GLU A 96 -10.92 -1.13 13.36
C GLU A 96 -9.97 -0.93 12.19
C GLU A 96 -9.97 -0.96 12.19
N LEU A 97 -10.52 -0.76 11.00
CA LEU A 97 -9.72 -0.46 9.81
C LEU A 97 -8.93 0.83 10.00
N GLN A 98 -9.60 1.89 10.47
CA GLN A 98 -8.88 3.14 10.69
C GLN A 98 -7.77 2.96 11.71
N GLY A 99 -7.98 2.12 12.72
CA GLY A 99 -6.93 1.93 13.70
C GLY A 99 -5.71 1.24 13.12
N VAL A 100 -5.93 0.28 12.22
CA VAL A 100 -4.82 -0.39 11.54
C VAL A 100 -4.06 0.60 10.65
N CYS A 101 -4.78 1.41 9.88
CA CYS A 101 -4.10 2.42 9.06
C CYS A 101 -3.30 3.38 9.93
N ASP A 102 -3.89 3.84 11.03
CA ASP A 102 -3.19 4.76 11.93
C ASP A 102 -1.95 4.10 12.51
N THR A 103 -2.03 2.80 12.79
CA THR A 103 -0.87 2.09 13.32
C THR A 103 0.27 2.06 12.30
N VAL A 104 -0.05 1.74 11.05
CA VAL A 104 0.97 1.70 10.01
C VAL A 104 1.57 3.09 9.78
N LEU A 105 0.70 4.10 9.67
CA LEU A 105 1.18 5.47 9.50
C LEU A 105 2.06 5.90 10.67
N GLY A 106 1.73 5.43 11.88
CA GLY A 106 2.56 5.75 13.03
C GLY A 106 3.94 5.13 12.93
N LEU A 107 4.02 3.90 12.40
CA LEU A 107 5.32 3.26 12.24
C LEU A 107 6.15 4.00 11.23
N LEU A 108 5.52 4.44 10.12
CA LEU A 108 6.22 5.19 9.10
C LEU A 108 6.75 6.51 9.67
N ASP A 109 5.94 7.17 10.49
CA ASP A 109 6.30 8.45 11.05
C ASP A 109 7.25 8.35 12.24
N SER A 110 7.33 7.18 12.88
CA SER A 110 8.16 6.98 14.07
C SER A 110 8.83 5.59 14.02
N HIS A 111 9.92 5.47 13.27
CA HIS A 111 10.63 6.56 12.62
C HIS A 111 11.17 6.07 11.27
N LEU A 112 10.41 5.22 10.58
CA LEU A 112 10.92 4.55 9.39
C LEU A 112 11.30 5.55 8.31
N ILE A 113 10.44 6.53 8.04
CA ILE A 113 10.67 7.40 6.90
C ILE A 113 11.87 8.31 7.15
N LYS A 114 11.96 8.90 8.34
CA LYS A 114 13.03 9.86 8.56
C LYS A 114 14.40 9.19 8.56
N GLU A 115 14.48 7.91 8.87
CA GLU A 115 15.77 7.23 8.78
C GLU A 115 16.01 6.57 7.43
N ALA A 116 15.10 6.70 6.47
CA ALA A 116 15.27 6.03 5.18
C ALA A 116 15.98 6.98 4.22
N GLY A 117 17.25 6.72 3.97
CA GLY A 117 18.05 7.59 3.13
C GLY A 117 18.24 7.10 1.71
N ASP A 118 18.23 5.78 1.52
CA ASP A 118 18.36 5.25 0.17
C ASP A 118 17.05 5.39 -0.57
N ALA A 119 17.16 5.54 -1.89
CA ALA A 119 15.96 5.64 -2.73
C ALA A 119 15.03 4.45 -2.56
N GLU A 120 15.57 3.21 -2.56
CA GLU A 120 14.68 2.06 -2.51
C GLU A 120 13.88 2.04 -1.20
N SER A 121 14.51 2.40 -0.09
CA SER A 121 13.76 2.38 1.17
C SER A 121 12.83 3.58 1.28
N ARG A 122 13.31 4.76 0.90
CA ARG A 122 12.47 5.95 1.08
C ARG A 122 11.23 5.90 0.18
N VAL A 123 11.40 5.50 -1.09
CA VAL A 123 10.25 5.41 -1.98
C VAL A 123 9.29 4.32 -1.50
N PHE A 124 9.84 3.20 -1.00
CA PHE A 124 8.98 2.12 -0.48
C PHE A 124 8.09 2.64 0.65
N TYR A 125 8.69 3.35 1.62
CA TYR A 125 7.90 3.80 2.76
C TYR A 125 6.90 4.88 2.34
N LEU A 126 7.29 5.77 1.42
CA LEU A 126 6.38 6.84 1.04
C LEU A 126 5.19 6.29 0.25
N LYS A 127 5.44 5.29 -0.59
CA LYS A 127 4.34 4.58 -1.24
C LYS A 127 3.39 3.97 -0.22
N MET A 128 3.94 3.30 0.80
CA MET A 128 3.16 2.81 1.94
C MET A 128 2.31 3.93 2.53
N LYS A 129 2.93 5.09 2.78
CA LYS A 129 2.20 6.19 3.39
C LYS A 129 1.05 6.63 2.48
N GLY A 130 1.29 6.73 1.18
CA GLY A 130 0.20 7.05 0.27
C GLY A 130 -0.90 6.00 0.31
N ASP A 131 -0.51 4.71 0.35
CA ASP A 131 -1.50 3.64 0.34
C ASP A 131 -2.41 3.72 1.57
N TYR A 132 -1.83 3.89 2.77
CA TYR A 132 -2.68 3.81 3.96
C TYR A 132 -3.51 5.07 4.14
N TYR A 133 -3.05 6.24 3.68
CA TYR A 133 -3.97 7.37 3.60
C TYR A 133 -5.05 7.12 2.57
N ARG A 134 -4.74 6.44 1.46
CA ARG A 134 -5.77 6.12 0.49
C ARG A 134 -6.84 5.21 1.11
N TYR A 135 -6.43 4.24 1.92
CA TYR A 135 -7.44 3.40 2.58
C TYR A 135 -8.28 4.21 3.55
N LEU A 136 -7.66 5.13 4.30
CA LEU A 136 -8.45 6.04 5.12
C LEU A 136 -9.42 6.86 4.25
N ALA A 137 -8.96 7.32 3.09
CA ALA A 137 -9.85 8.11 2.22
C ALA A 137 -11.03 7.28 1.71
N GLU A 138 -10.85 5.97 1.53
CA GLU A 138 -11.96 5.16 1.01
C GLU A 138 -13.17 5.18 1.94
N VAL A 139 -12.96 5.33 3.23
CA VAL A 139 -14.05 5.31 4.21
C VAL A 139 -14.35 6.69 4.76
N ALA A 140 -13.60 7.71 4.37
CA ALA A 140 -13.79 9.05 4.91
C ALA A 140 -15.00 9.72 4.30
N THR A 141 -15.74 10.46 5.13
CA THR A 141 -16.94 11.17 4.69
C THR A 141 -17.11 12.55 5.30
N GLY A 142 -16.33 12.91 6.31
CA GLY A 142 -16.59 14.09 7.12
C GLY A 142 -15.68 15.26 6.77
N ASP A 143 -15.29 16.01 7.80
CA ASP A 143 -14.56 17.26 7.59
C ASP A 143 -13.13 17.03 7.10
N ASP A 144 -12.61 15.80 7.19
CA ASP A 144 -11.21 15.54 6.88
C ASP A 144 -11.03 14.68 5.64
N LYS A 145 -12.10 14.36 4.91
CA LYS A 145 -11.94 13.63 3.65
C LYS A 145 -10.95 14.33 2.73
N LYS A 146 -11.11 15.65 2.53
CA LYS A 146 -10.20 16.35 1.64
C LYS A 146 -8.79 16.37 2.18
N ARG A 147 -8.62 16.55 3.49
CA ARG A 147 -7.28 16.59 4.04
C ARG A 147 -6.60 15.23 3.95
N ILE A 148 -7.38 14.15 4.12
CA ILE A 148 -6.81 12.81 3.99
C ILE A 148 -6.38 12.54 2.55
N ILE A 149 -7.21 12.94 1.60
CA ILE A 149 -6.87 12.79 0.18
C ILE A 149 -5.59 13.55 -0.15
N ASP A 150 -5.46 14.78 0.37
CA ASP A 150 -4.23 15.52 0.09
C ASP A 150 -3.02 14.89 0.76
N SER A 151 -3.21 14.28 1.92
CA SER A 151 -2.10 13.57 2.56
C SER A 151 -1.65 12.40 1.70
N ALA A 152 -2.61 11.64 1.16
CA ALA A 152 -2.25 10.55 0.25
C ALA A 152 -1.51 11.09 -0.97
N ARG A 153 -2.08 12.11 -1.61
N ARG A 153 -2.08 12.11 -1.62
CA ARG A 153 -1.46 12.68 -2.82
CA ARG A 153 -1.46 12.68 -2.82
C ARG A 153 -0.04 13.15 -2.53
C ARG A 153 -0.04 13.15 -2.53
N SER A 154 0.15 13.84 -1.41
CA SER A 154 1.48 14.38 -1.09
C SER A 154 2.52 13.28 -0.94
N ALA A 155 2.15 12.19 -0.26
CA ALA A 155 3.08 11.09 -0.06
C ALA A 155 3.42 10.43 -1.40
N TYR A 156 2.39 10.12 -2.19
CA TYR A 156 2.64 9.54 -3.51
C TYR A 156 3.51 10.43 -4.38
N GLN A 157 3.23 11.75 -4.34
CA GLN A 157 3.97 12.68 -5.19
C GLN A 157 5.45 12.72 -4.79
N GLU A 158 5.74 12.78 -3.49
CA GLU A 158 7.14 12.78 -3.07
C GLU A 158 7.83 11.49 -3.51
N ALA A 159 7.15 10.35 -3.34
CA ALA A 159 7.71 9.08 -3.80
C ALA A 159 7.95 9.08 -5.30
N MET A 160 6.98 9.57 -6.08
CA MET A 160 7.14 9.71 -7.53
C MET A 160 8.37 10.53 -7.87
N ASP A 161 8.51 11.70 -7.24
CA ASP A 161 9.64 12.58 -7.58
C ASP A 161 10.98 11.88 -7.35
N ILE A 162 11.11 11.18 -6.22
CA ILE A 162 12.36 10.47 -5.93
C ILE A 162 12.58 9.34 -6.93
N SER A 163 11.53 8.55 -7.18
CA SER A 163 11.69 7.39 -8.06
C SER A 163 12.05 7.81 -9.48
N LYS A 164 11.53 8.93 -9.95
CA LYS A 164 11.88 9.36 -11.30
C LYS A 164 13.33 9.82 -11.38
N LYS A 165 13.86 10.35 -10.28
CA LYS A 165 15.24 10.80 -10.25
C LYS A 165 16.21 9.66 -9.99
N GLU A 166 15.81 8.66 -9.20
CA GLU A 166 16.76 7.72 -8.65
C GLU A 166 16.59 6.28 -9.08
N MET A 167 15.51 5.92 -9.78
CA MET A 167 15.31 4.53 -10.14
C MET A 167 15.11 4.43 -11.64
N PRO A 168 15.45 3.28 -12.24
CA PRO A 168 15.14 3.07 -13.66
C PRO A 168 13.64 2.88 -13.86
N PRO A 169 13.15 3.10 -15.08
CA PRO A 169 11.69 3.01 -15.31
C PRO A 169 11.12 1.63 -15.11
N THR A 170 11.95 0.58 -15.07
CA THR A 170 11.44 -0.77 -14.88
C THR A 170 11.50 -1.22 -13.42
N ASN A 171 12.02 -0.40 -12.52
CA ASN A 171 12.15 -0.81 -11.13
C ASN A 171 10.78 -1.22 -10.56
N PRO A 172 10.63 -2.43 -10.02
CA PRO A 172 9.29 -2.87 -9.57
C PRO A 172 8.65 -1.98 -8.52
N ILE A 173 9.44 -1.38 -7.63
CA ILE A 173 8.87 -0.44 -6.67
C ILE A 173 8.37 0.81 -7.39
N ARG A 174 9.17 1.33 -8.34
CA ARG A 174 8.73 2.48 -9.12
C ARG A 174 7.44 2.17 -9.88
N LEU A 175 7.34 0.96 -10.47
CA LEU A 175 6.16 0.58 -11.21
C LEU A 175 4.94 0.40 -10.31
N GLY A 176 5.12 -0.28 -9.18
CA GLY A 176 4.01 -0.46 -8.25
C GLY A 176 3.53 0.86 -7.66
N LEU A 177 4.47 1.77 -7.41
CA LEU A 177 4.08 3.11 -6.95
C LEU A 177 3.21 3.82 -7.98
N ALA A 178 3.65 3.82 -9.23
CA ALA A 178 2.86 4.47 -10.28
C ALA A 178 1.51 3.79 -10.45
N LEU A 179 1.50 2.45 -10.40
CA LEU A 179 0.22 1.74 -10.47
C LEU A 179 -0.75 2.22 -9.38
N ASN A 180 -0.29 2.25 -8.13
CA ASN A 180 -1.19 2.61 -7.04
C ASN A 180 -1.56 4.09 -7.08
N PHE A 181 -0.62 4.96 -7.48
CA PHE A 181 -0.96 6.37 -7.61
C PHE A 181 -1.99 6.56 -8.71
N SER A 182 -1.90 5.78 -9.79
CA SER A 182 -2.92 5.87 -10.83
C SER A 182 -4.27 5.40 -10.31
N VAL A 183 -4.29 4.37 -9.46
CA VAL A 183 -5.55 3.96 -8.84
C VAL A 183 -6.08 5.05 -7.92
N PHE A 184 -5.18 5.71 -7.17
CA PHE A 184 -5.58 6.86 -6.36
C PHE A 184 -6.27 7.90 -7.24
N HIS A 185 -5.67 8.24 -8.39
CA HIS A 185 -6.27 9.27 -9.25
C HIS A 185 -7.66 8.85 -9.71
N TYR A 186 -7.81 7.58 -10.08
CA TYR A 186 -9.06 7.12 -10.67
C TYR A 186 -10.15 6.95 -9.62
N GLU A 187 -9.81 6.33 -8.49
CA GLU A 187 -10.79 5.88 -7.52
C GLU A 187 -11.05 6.92 -6.43
N ILE A 188 -10.08 7.75 -6.09
CA ILE A 188 -10.16 8.63 -4.93
C ILE A 188 -10.28 10.09 -5.36
N ALA A 189 -9.41 10.51 -6.28
CA ALA A 189 -9.30 11.93 -6.63
C ALA A 189 -10.22 12.34 -7.76
N ASN A 190 -11.03 11.42 -8.30
CA ASN A 190 -11.94 11.75 -9.40
C ASN A 190 -11.20 12.37 -10.57
N SER A 191 -10.03 11.82 -10.88
CA SER A 191 -9.21 12.31 -12.00
C SER A 191 -8.87 11.14 -12.91
N PRO A 192 -9.88 10.59 -13.60
CA PRO A 192 -9.59 9.43 -14.46
C PRO A 192 -8.61 9.72 -15.59
N GLU A 193 -8.59 10.95 -16.11
CA GLU A 193 -7.64 11.23 -17.19
C GLU A 193 -6.22 11.23 -16.68
N GLU A 194 -6.00 11.78 -15.47
CA GLU A 194 -4.67 11.69 -14.85
C GLU A 194 -4.27 10.24 -14.61
N ALA A 195 -5.22 9.42 -14.15
CA ALA A 195 -4.95 8.01 -13.93
C ALA A 195 -4.51 7.30 -15.21
N ILE A 196 -5.26 7.52 -16.29
CA ILE A 196 -4.93 6.88 -17.56
C ILE A 196 -3.61 7.37 -18.10
N SER A 197 -3.37 8.69 -18.04
CA SER A 197 -2.11 9.25 -18.52
C SER A 197 -0.92 8.69 -17.76
N LEU A 198 -1.03 8.63 -16.42
CA LEU A 198 0.08 8.10 -15.65
C LEU A 198 0.34 6.64 -15.98
N ALA A 199 -0.73 5.84 -16.09
CA ALA A 199 -0.53 4.41 -16.37
C ALA A 199 0.07 4.19 -17.74
N LYS A 200 -0.36 4.96 -18.74
CA LYS A 200 0.16 4.83 -20.11
C LYS A 200 1.63 5.21 -20.18
N THR A 201 1.98 6.39 -19.67
CA THR A 201 3.37 6.84 -19.68
C THR A 201 4.27 5.89 -18.88
N THR A 202 3.77 5.38 -17.75
CA THR A 202 4.56 4.43 -16.96
C THR A 202 4.82 3.16 -17.76
N PHE A 203 3.77 2.64 -18.41
CA PHE A 203 3.92 1.41 -19.18
C PHE A 203 4.89 1.61 -20.33
N ASP A 204 4.73 2.70 -21.07
CA ASP A 204 5.55 2.95 -22.26
C ASP A 204 7.01 3.16 -21.90
N GLU A 205 7.30 3.88 -20.81
CA GLU A 205 8.70 4.08 -20.45
C GLU A 205 9.33 2.81 -19.90
N ALA A 206 8.55 1.96 -19.22
CA ALA A 206 9.09 0.68 -18.81
C ALA A 206 9.38 -0.20 -20.02
N MET A 207 8.45 -0.28 -20.97
CA MET A 207 8.66 -1.15 -22.12
C MET A 207 9.97 -0.82 -22.84
N ALA A 208 10.28 0.48 -22.95
CA ALA A 208 11.48 0.91 -23.65
C ALA A 208 12.76 0.62 -22.89
N ASP A 209 12.67 0.25 -21.61
CA ASP A 209 13.83 -0.05 -20.77
C ASP A 209 14.00 -1.55 -20.57
N LEU A 210 13.07 -2.37 -21.08
CA LEU A 210 13.12 -3.81 -20.79
C LEU A 210 14.38 -4.45 -21.36
N HIS A 211 14.88 -3.93 -22.47
CA HIS A 211 16.06 -4.52 -23.11
C HIS A 211 17.27 -4.57 -22.17
N THR A 212 17.31 -3.73 -21.13
CA THR A 212 18.45 -3.68 -20.22
C THR A 212 18.44 -4.78 -19.17
N LEU A 213 17.36 -5.54 -19.06
CA LEU A 213 17.12 -6.42 -17.93
C LEU A 213 17.55 -7.85 -18.20
N SER A 214 17.91 -8.55 -17.12
CA SER A 214 18.07 -9.98 -17.12
C SER A 214 16.71 -10.68 -17.22
N GLU A 215 16.76 -11.98 -17.49
CA GLU A 215 15.53 -12.77 -17.57
C GLU A 215 14.68 -12.66 -16.31
N ASP A 216 15.31 -12.69 -15.14
CA ASP A 216 14.54 -12.63 -13.90
C ASP A 216 13.97 -11.23 -13.65
N SER A 217 14.77 -10.20 -13.87
CA SER A 217 14.29 -8.83 -13.72
C SER A 217 13.20 -8.53 -14.73
N TYR A 218 13.35 -9.02 -15.96
CA TYR A 218 12.31 -8.88 -16.97
C TYR A 218 10.99 -9.44 -16.48
N LYS A 219 11.01 -10.64 -15.86
CA LYS A 219 9.78 -11.21 -15.34
C LYS A 219 9.17 -10.34 -14.25
N ASP A 220 9.99 -9.84 -13.33
CA ASP A 220 9.48 -8.98 -12.25
C ASP A 220 8.78 -7.75 -12.81
N SER A 221 9.42 -7.08 -13.78
CA SER A 221 8.85 -5.84 -14.32
C SER A 221 7.63 -6.11 -15.20
N THR A 222 7.69 -7.11 -16.08
CA THR A 222 6.56 -7.30 -16.97
C THR A 222 5.31 -7.73 -16.20
N LEU A 223 5.48 -8.37 -15.04
CA LEU A 223 4.32 -8.73 -14.23
C LEU A 223 3.56 -7.47 -13.81
N ILE A 224 4.27 -6.45 -13.36
CA ILE A 224 3.56 -5.25 -12.93
C ILE A 224 3.09 -4.45 -14.12
N MET A 225 3.83 -4.43 -15.23
CA MET A 225 3.31 -3.76 -16.42
C MET A 225 1.98 -4.36 -16.87
N GLN A 226 1.79 -5.67 -16.68
CA GLN A 226 0.50 -6.27 -17.03
C GLN A 226 -0.62 -5.69 -16.19
N LEU A 227 -0.36 -5.42 -14.91
CA LEU A 227 -1.37 -4.80 -14.07
C LEU A 227 -1.73 -3.41 -14.56
N LEU A 228 -0.74 -2.62 -14.98
CA LEU A 228 -1.03 -1.33 -15.58
C LEU A 228 -1.91 -1.49 -16.81
N ARG A 229 -1.56 -2.45 -17.68
CA ARG A 229 -2.35 -2.70 -18.87
C ARG A 229 -3.77 -3.13 -18.52
N ASP A 230 -3.91 -4.00 -17.52
CA ASP A 230 -5.25 -4.45 -17.11
C ASP A 230 -6.11 -3.26 -16.70
N ASN A 231 -5.54 -2.30 -15.97
CA ASN A 231 -6.30 -1.12 -15.58
C ASN A 231 -6.65 -0.26 -16.79
N LEU A 232 -5.69 -0.04 -17.68
CA LEU A 232 -5.99 0.75 -18.87
C LEU A 232 -7.10 0.12 -19.68
N THR A 233 -7.12 -1.21 -19.75
CA THR A 233 -8.17 -1.91 -20.48
C THR A 233 -9.52 -1.69 -19.84
N LEU A 234 -9.55 -1.62 -18.51
CA LEU A 234 -10.80 -1.37 -17.81
C LEU A 234 -11.21 0.09 -17.90
N TRP A 235 -10.25 1.02 -18.01
CA TRP A 235 -10.54 2.45 -17.97
C TRP A 235 -10.80 3.05 -19.34
N THR A 236 -10.46 2.35 -20.42
CA THR A 236 -10.56 2.94 -21.75
C THR A 236 -11.35 2.05 -22.69
N ALA B 5 -10.74 -1.78 -10.89
CA ALA B 5 -9.40 -1.20 -10.99
C ALA B 5 -8.51 -1.76 -9.89
N GLY B 6 -7.38 -2.35 -10.28
CA GLY B 6 -6.53 -3.02 -9.32
C GLY B 6 -5.26 -2.31 -8.91
N SEP B 7 -5.08 -2.14 -7.60
CA SEP B 7 -3.78 -1.77 -7.05
CB SEP B 7 -3.93 -1.22 -5.64
OG SEP B 7 -4.49 -2.26 -4.89
C SEP B 7 -2.92 -3.01 -7.02
O SEP B 7 -3.39 -4.10 -7.33
P SEP B 7 -5.02 -1.81 -3.45
O1P SEP B 7 -5.40 -3.21 -2.75
O2P SEP B 7 -6.31 -0.87 -3.61
O3P SEP B 7 -3.84 -1.09 -2.66
N ILE B 8 -1.66 -2.88 -6.62
CA ILE B 8 -0.82 -4.05 -6.60
C ILE B 8 -1.31 -4.96 -5.46
N PRO B 9 -1.49 -6.26 -5.75
CA PRO B 9 -2.05 -7.14 -4.71
C PRO B 9 -1.23 -7.12 -3.43
N GLY B 10 0.07 -7.35 -3.53
CA GLY B 10 0.97 -7.13 -2.41
C GLY B 10 0.70 -8.00 -1.20
N ARG B 11 0.05 -9.15 -1.37
CA ARG B 11 -0.34 -9.94 -0.22
C ARG B 11 0.43 -11.26 -0.11
N ARG B 12 1.46 -11.45 -0.94
CA ARG B 12 2.28 -12.65 -0.87
C ARG B 12 3.75 -12.28 -1.01
N SER B 13 4.56 -12.76 -0.05
CA SER B 13 6.04 -12.79 -0.02
C SER B 13 6.55 -12.45 1.37
CL CL C . -21.35 -3.66 16.48
C01 V1E D . 8.27 -7.24 -3.77
C05 V1E D . 6.04 -5.24 -5.51
C06 V1E D . 6.18 -4.05 -6.22
C07 V1E D . 5.55 -2.92 -5.75
C08 V1E D . 4.81 -2.98 -4.57
C09 V1E D . 4.69 -4.15 -3.86
C10 V1E D . 5.31 -5.30 -4.33
C11 V1E D . 4.10 -1.74 -4.02
C13 V1E D . 9.46 -5.99 -5.57
N02 V1E D . 8.33 -6.82 -5.15
O04 V1E D . 6.01 -7.91 -5.92
O12 V1E D . 7.16 -6.71 -7.51
S03 V1E D . 6.88 -6.75 -6.07
CA CA E . 18.60 -8.12 20.96
CL CL F . 19.47 5.51 7.05
C1 GOL G . 19.41 3.84 -10.26
O1 GOL G . 19.49 4.50 -8.96
C2 GOL G . 19.50 4.82 -11.52
O2 GOL G . 18.71 4.41 -12.60
C3 GOL G . 19.16 6.28 -11.11
O3 GOL G . 18.76 6.95 -12.28
#